data_4H5E
#
_entry.id   4H5E
#
_cell.length_a   111.239
_cell.length_b   111.239
_cell.length_c   65.645
_cell.angle_alpha   90.00
_cell.angle_beta   90.00
_cell.angle_gamma   90.00
#
_symmetry.space_group_name_H-M   'P 41 21 2'
#
loop_
_entity.id
_entity.type
_entity.pdbx_description
1 polymer 'Farnesyl pyrophosphate synthase'
2 non-polymer '[({4-[4-(propan-2-yloxy)phenyl]pyridin-2-yl}amino)methanediyl]bis(phosphonic acid)'
3 non-polymer 'ISOPENTYL PYROPHOSPHATE'
4 non-polymer 'MAGNESIUM ION'
5 water water
#
_entity_poly.entity_id   1
_entity_poly.type   'polypeptide(L)'
_entity_poly.pdbx_seq_one_letter_code
;MGSSHHHHHHSSGRENLYFQGHMNGDQNSDVYAQEKQDFVQHFSQIVRVLTEDEMGHPEIGDAIARLKEVLEYNAIGGKY
NRGLTVVVAFRELVEPRKQDADSLQRAWTVGWCVELLQAFFLVADDIMDSSLTRRGQICWYQKPGVGLDAINDANLLEAC
IYRLLKLYCREQPYYLNLIELFLQSSYQTEIGQTLDLLTAPQGNVDLVRFTEKRYKSIVKYKTAFYSFYLPIAAAMYMAG
IDGEKEHANAKKILLEMGEFFQIQDDYLDLFGDPSVTGKIGTDIQDNKCSWLVVQCLQRATPEQYQILKENYGQKEAEKV
ARVKALYEELDLPAVFLQYEEDSYSHIMALIEQYAAPLPPAVFLGLARKIYKRRK
;
_entity_poly.pdbx_strand_id   F
#
# COMPACT_ATOMS: atom_id res chain seq x y z
N ASP A 30 1.19 8.70 17.58
CA ASP A 30 0.40 9.64 18.42
C ASP A 30 -0.80 10.16 17.62
N VAL A 31 -0.55 11.08 16.67
CA VAL A 31 -1.65 11.74 15.92
C VAL A 31 -2.55 10.80 15.07
N TYR A 32 -1.96 9.72 14.55
CA TYR A 32 -2.69 8.65 13.82
C TYR A 32 -3.55 7.80 14.74
N ALA A 33 -2.94 7.38 15.86
CA ALA A 33 -3.62 6.66 16.93
C ALA A 33 -4.85 7.45 17.36
N GLN A 34 -4.66 8.75 17.62
CA GLN A 34 -5.78 9.67 17.88
C GLN A 34 -6.88 9.49 16.82
N GLU A 35 -6.56 9.79 15.56
CA GLU A 35 -7.55 9.83 14.50
C GLU A 35 -8.14 8.47 14.08
N LYS A 36 -7.49 7.35 14.43
CA LYS A 36 -7.95 6.02 13.93
C LYS A 36 -9.43 5.84 14.14
N GLN A 37 -9.91 5.92 15.40
CA GLN A 37 -11.29 5.53 15.66
C GLN A 37 -12.24 6.46 14.93
N ASP A 38 -11.90 7.73 14.77
CA ASP A 38 -12.86 8.61 14.04
C ASP A 38 -12.90 8.20 12.59
N PHE A 39 -11.74 7.84 12.05
CA PHE A 39 -11.66 7.52 10.63
C PHE A 39 -12.55 6.29 10.38
N VAL A 40 -12.39 5.29 11.22
CA VAL A 40 -12.99 4.03 11.02
C VAL A 40 -14.50 4.16 11.21
N GLN A 41 -14.92 4.98 12.19
CA GLN A 41 -16.33 5.26 12.38
C GLN A 41 -16.99 5.82 11.11
N HIS A 42 -16.26 6.54 10.25
CA HIS A 42 -16.88 7.09 9.05
C HIS A 42 -17.17 6.07 7.97
N PHE A 43 -16.68 4.85 8.14
CA PHE A 43 -16.87 3.82 7.14
C PHE A 43 -18.37 3.54 6.89
N SER A 44 -19.23 3.60 7.93
CA SER A 44 -20.68 3.37 7.73
C SER A 44 -21.31 4.29 6.75
N GLN A 45 -20.88 5.55 6.77
CA GLN A 45 -21.50 6.54 5.89
C GLN A 45 -21.02 6.22 4.49
N ILE A 46 -19.72 5.87 4.37
CA ILE A 46 -19.15 5.56 3.06
C ILE A 46 -20.00 4.40 2.52
N VAL A 47 -20.26 3.38 3.35
CA VAL A 47 -21.05 2.26 2.85
C VAL A 47 -22.46 2.76 2.47
N ARG A 48 -23.02 3.60 3.32
CA ARG A 48 -24.42 4.03 3.13
C ARG A 48 -24.56 4.84 1.81
N VAL A 49 -23.60 5.74 1.55
CA VAL A 49 -23.68 6.57 0.34
C VAL A 49 -23.50 5.73 -0.94
N LEU A 50 -22.57 4.79 -0.91
CA LEU A 50 -22.36 3.95 -2.05
C LEU A 50 -23.54 2.96 -2.24
N THR A 51 -24.30 2.68 -1.21
CA THR A 51 -25.40 1.76 -1.37
C THR A 51 -26.75 2.45 -1.49
N GLU A 52 -26.74 3.78 -1.57
CA GLU A 52 -27.96 4.57 -1.59
C GLU A 52 -28.52 4.68 -3.01
N ASP A 53 -27.66 4.61 -4.04
CA ASP A 53 -28.13 4.61 -5.45
C ASP A 53 -28.90 3.33 -5.82
N GLU A 54 -29.28 2.54 -4.81
CA GLU A 54 -30.24 1.42 -4.98
C GLU A 54 -31.66 1.96 -4.92
N MET A 55 -31.85 3.03 -4.13
CA MET A 55 -33.18 3.60 -3.89
C MET A 55 -33.98 3.69 -5.20
N GLY A 56 -33.39 4.38 -6.19
CA GLY A 56 -34.08 4.66 -7.45
C GLY A 56 -34.06 3.54 -8.49
N HIS A 57 -33.12 2.60 -8.33
CA HIS A 57 -32.97 1.47 -9.27
C HIS A 57 -32.94 0.19 -8.49
N PRO A 58 -34.18 -0.30 -8.09
CA PRO A 58 -34.29 -1.57 -7.36
C PRO A 58 -33.68 -2.73 -8.10
N GLU A 59 -33.72 -2.66 -9.43
CA GLU A 59 -33.22 -3.73 -10.33
C GLU A 59 -31.71 -4.09 -10.11
N ILE A 60 -30.91 -3.14 -9.63
CA ILE A 60 -29.55 -3.44 -9.25
C ILE A 60 -29.34 -3.82 -7.78
N GLY A 61 -30.44 -3.98 -7.03
CA GLY A 61 -30.37 -4.37 -5.63
C GLY A 61 -29.37 -5.49 -5.27
N ASP A 62 -29.41 -6.65 -5.94
CA ASP A 62 -28.49 -7.75 -5.61
C ASP A 62 -27.05 -7.34 -5.84
N ALA A 63 -26.80 -6.50 -6.85
CA ALA A 63 -25.40 -6.10 -7.12
C ALA A 63 -24.94 -5.17 -6.02
N ILE A 64 -25.83 -4.28 -5.60
CA ILE A 64 -25.43 -3.32 -4.57
C ILE A 64 -25.20 -4.06 -3.21
N ALA A 65 -26.09 -4.99 -2.85
CA ALA A 65 -25.81 -5.92 -1.73
C ALA A 65 -24.44 -6.70 -1.88
N ARG A 66 -24.10 -7.13 -3.08
CA ARG A 66 -22.78 -7.74 -3.24
C ARG A 66 -21.71 -6.73 -2.95
N LEU A 67 -21.90 -5.51 -3.47
CA LEU A 67 -20.90 -4.46 -3.31
C LEU A 67 -20.66 -4.19 -1.79
N LYS A 68 -21.74 -4.09 -1.04
CA LYS A 68 -21.62 -3.86 0.40
C LYS A 68 -20.81 -5.00 1.05
N GLU A 69 -21.11 -6.27 0.74
CA GLU A 69 -20.30 -7.40 1.27
C GLU A 69 -18.81 -7.31 0.87
N VAL A 70 -18.56 -6.97 -0.38
CA VAL A 70 -17.16 -6.70 -0.87
C VAL A 70 -16.51 -5.58 -0.05
N LEU A 71 -17.27 -4.48 0.23
CA LEU A 71 -16.70 -3.35 0.96
C LEU A 71 -16.36 -3.82 2.40
N GLU A 72 -17.34 -4.44 3.03
CA GLU A 72 -17.12 -4.84 4.45
C GLU A 72 -16.01 -5.83 4.62
N TYR A 73 -15.82 -6.71 3.63
CA TYR A 73 -14.83 -7.75 3.77
C TYR A 73 -13.46 -7.21 3.47
N ASN A 74 -13.29 -6.37 2.46
CA ASN A 74 -11.99 -6.05 1.92
C ASN A 74 -11.54 -4.65 2.23
N ALA A 75 -12.39 -3.81 2.84
CA ALA A 75 -11.92 -2.43 3.10
C ALA A 75 -11.62 -2.15 4.58
N ILE A 76 -11.76 -3.20 5.38
CA ILE A 76 -11.69 -3.11 6.80
C ILE A 76 -10.67 -4.08 7.28
N GLY A 77 -9.89 -3.67 8.27
CA GLY A 77 -9.08 -4.58 9.07
C GLY A 77 -7.60 -4.34 8.84
N GLY A 78 -7.23 -3.42 7.98
CA GLY A 78 -5.78 -3.08 7.89
C GLY A 78 -5.45 -1.96 8.88
N LYS A 79 -4.36 -1.26 8.63
CA LYS A 79 -3.89 -0.22 9.57
C LYS A 79 -4.54 1.15 9.26
N TYR A 80 -5.05 1.34 8.04
CA TYR A 80 -5.63 2.58 7.53
C TYR A 80 -4.56 3.63 7.52
N ASN A 81 -3.30 3.23 7.36
CA ASN A 81 -2.29 4.28 7.32
C ASN A 81 -2.47 5.31 6.22
N ARG A 82 -2.84 4.88 5.02
CA ARG A 82 -3.00 5.85 3.88
C ARG A 82 -4.25 6.77 4.05
N GLY A 83 -5.40 6.20 4.41
CA GLY A 83 -6.60 7.03 4.61
C GLY A 83 -6.36 8.02 5.72
N LEU A 84 -5.75 7.56 6.81
CA LEU A 84 -5.47 8.44 7.94
C LEU A 84 -4.47 9.49 7.59
N THR A 85 -3.48 9.15 6.72
CA THR A 85 -2.51 10.18 6.33
C THR A 85 -3.25 11.33 5.63
N VAL A 86 -4.29 11.00 4.83
CA VAL A 86 -5.04 12.08 4.14
C VAL A 86 -5.65 13.03 5.18
N VAL A 87 -6.31 12.44 6.18
CA VAL A 87 -7.02 13.19 7.21
C VAL A 87 -6.05 14.04 8.09
N VAL A 88 -5.01 13.41 8.62
CA VAL A 88 -3.97 14.07 9.44
C VAL A 88 -3.34 15.18 8.64
N ALA A 89 -2.91 14.89 7.42
CA ALA A 89 -2.24 15.92 6.60
C ALA A 89 -3.22 17.03 6.30
N PHE A 90 -4.42 16.70 5.90
CA PHE A 90 -5.42 17.75 5.70
C PHE A 90 -5.53 18.70 6.92
N ARG A 91 -5.71 18.09 8.10
CA ARG A 91 -5.85 18.90 9.31
C ARG A 91 -4.66 19.74 9.55
N GLU A 92 -3.50 19.26 9.15
CA GLU A 92 -2.28 20.03 9.42
C GLU A 92 -2.04 21.05 8.34
N LEU A 93 -2.63 20.88 7.17
CA LEU A 93 -2.30 21.84 6.09
C LEU A 93 -3.35 22.94 5.91
N VAL A 94 -4.58 22.74 6.40
CA VAL A 94 -5.63 23.73 6.21
C VAL A 94 -5.85 24.50 7.51
N GLU A 95 -6.01 25.82 7.40
CA GLU A 95 -6.21 26.67 8.56
C GLU A 95 -7.48 26.18 9.27
N PRO A 96 -7.39 26.03 10.59
CA PRO A 96 -8.49 25.38 11.33
C PRO A 96 -9.81 26.10 11.09
N ARG A 97 -9.72 27.42 10.90
CA ARG A 97 -10.86 28.24 10.58
C ARG A 97 -11.49 27.85 9.23
N LYS A 98 -10.75 27.16 8.37
CA LYS A 98 -11.34 26.67 7.11
C LYS A 98 -11.71 25.17 7.19
N GLN A 99 -11.56 24.56 8.36
CA GLN A 99 -11.92 23.15 8.51
C GLN A 99 -13.37 22.98 9.03
N ASP A 100 -14.37 23.53 8.31
CA ASP A 100 -15.85 23.36 8.66
C ASP A 100 -16.34 21.88 8.50
N ALA A 101 -17.60 21.60 8.87
CA ALA A 101 -18.13 20.23 8.83
C ALA A 101 -18.00 19.58 7.42
N ASP A 102 -18.34 20.34 6.39
CA ASP A 102 -18.28 19.76 5.08
C ASP A 102 -16.86 19.51 4.58
N SER A 103 -15.96 20.42 4.91
CA SER A 103 -14.54 20.24 4.50
C SER A 103 -13.92 19.00 5.06
N LEU A 104 -14.16 18.77 6.35
CA LEU A 104 -13.63 17.61 7.03
C LEU A 104 -14.25 16.36 6.45
N GLN A 105 -15.57 16.37 6.20
CA GLN A 105 -16.15 15.16 5.61
C GLN A 105 -15.48 14.80 4.25
N ARG A 106 -15.26 15.81 3.40
CA ARG A 106 -14.55 15.61 2.11
C ARG A 106 -13.19 15.01 2.36
N ALA A 107 -12.52 15.45 3.41
CA ALA A 107 -11.19 14.91 3.71
C ALA A 107 -11.22 13.43 4.14
N TRP A 108 -12.18 13.11 5.02
N TRP A 108 -12.17 13.03 4.99
CA TRP A 108 -12.39 11.74 5.44
CA TRP A 108 -12.17 11.61 5.33
C TRP A 108 -12.65 10.88 4.24
C TRP A 108 -12.84 10.73 4.30
N THR A 109 -13.57 11.36 3.37
CA THR A 109 -14.04 10.66 2.17
C THR A 109 -12.85 10.41 1.21
N VAL A 110 -11.98 11.38 1.03
CA VAL A 110 -10.83 11.20 0.14
C VAL A 110 -9.85 10.23 0.79
N GLY A 111 -9.72 10.27 2.11
CA GLY A 111 -8.95 9.23 2.83
C GLY A 111 -9.53 7.83 2.53
N TRP A 112 -10.86 7.66 2.74
CA TRP A 112 -11.52 6.46 2.30
C TRP A 112 -11.32 6.06 0.84
N CYS A 113 -11.35 7.00 -0.12
CA CYS A 113 -10.92 6.72 -1.47
C CYS A 113 -9.55 6.05 -1.50
N VAL A 114 -8.56 6.50 -0.75
CA VAL A 114 -7.25 5.81 -0.90
C VAL A 114 -7.33 4.41 -0.30
N GLU A 115 -8.13 4.26 0.76
CA GLU A 115 -8.41 2.93 1.34
C GLU A 115 -9.09 1.94 0.34
N LEU A 116 -9.99 2.45 -0.50
CA LEU A 116 -10.68 1.69 -1.52
C LEU A 116 -9.74 1.32 -2.63
N LEU A 117 -8.87 2.26 -3.02
CA LEU A 117 -7.78 1.93 -3.97
C LEU A 117 -6.96 0.76 -3.44
N GLN A 118 -6.47 0.90 -2.20
CA GLN A 118 -5.76 -0.18 -1.51
C GLN A 118 -6.57 -1.52 -1.57
N ALA A 119 -7.87 -1.48 -1.24
CA ALA A 119 -8.66 -2.69 -1.21
C ALA A 119 -8.71 -3.41 -2.56
N PHE A 120 -8.93 -2.63 -3.63
CA PHE A 120 -8.91 -3.07 -5.00
C PHE A 120 -7.57 -3.78 -5.31
N PHE A 121 -6.51 -3.08 -5.01
CA PHE A 121 -5.18 -3.63 -5.29
C PHE A 121 -4.93 -4.94 -4.53
N LEU A 122 -5.28 -5.02 -3.23
CA LEU A 122 -4.93 -6.22 -2.45
C LEU A 122 -5.74 -7.46 -2.92
N VAL A 123 -7.04 -7.26 -3.15
CA VAL A 123 -7.87 -8.32 -3.62
C VAL A 123 -7.30 -8.94 -4.89
N ALA A 124 -6.98 -8.12 -5.87
CA ALA A 124 -6.37 -8.60 -7.11
C ALA A 124 -4.97 -9.18 -6.86
N ASP A 125 -4.17 -8.47 -6.09
CA ASP A 125 -2.82 -8.97 -5.78
C ASP A 125 -2.84 -10.36 -5.06
N ASP A 126 -3.82 -10.64 -4.20
CA ASP A 126 -3.73 -11.90 -3.47
C ASP A 126 -4.04 -13.03 -4.41
N ILE A 127 -4.86 -12.75 -5.42
CA ILE A 127 -5.12 -13.76 -6.51
C ILE A 127 -3.81 -14.01 -7.25
N MET A 128 -3.20 -12.94 -7.75
CA MET A 128 -1.88 -13.09 -8.50
C MET A 128 -0.72 -13.69 -7.80
N ASP A 129 -0.66 -13.47 -6.50
CA ASP A 129 0.39 -14.04 -5.66
C ASP A 129 0.03 -15.36 -5.01
N SER A 130 -1.20 -15.85 -5.25
CA SER A 130 -1.61 -17.13 -4.66
C SER A 130 -1.56 -17.04 -3.17
N SER A 131 -2.09 -15.96 -2.62
CA SER A 131 -1.96 -15.80 -1.19
C SER A 131 -3.11 -16.56 -0.49
N LEU A 132 -2.92 -16.82 0.80
CA LEU A 132 -3.94 -17.49 1.61
C LEU A 132 -4.75 -16.58 2.55
N THR A 133 -4.06 -15.69 3.29
CA THR A 133 -4.74 -14.89 4.27
C THR A 133 -4.37 -13.42 3.98
N ARG A 134 -5.24 -12.55 4.46
CA ARG A 134 -5.02 -11.10 4.40
C ARG A 134 -5.71 -10.44 5.56
N ARG A 135 -4.98 -9.60 6.35
CA ARG A 135 -5.63 -8.86 7.47
C ARG A 135 -6.33 -9.81 8.42
N GLY A 136 -5.76 -11.01 8.54
CA GLY A 136 -6.19 -11.91 9.59
C GLY A 136 -7.39 -12.75 9.20
N GLN A 137 -7.78 -12.79 7.93
CA GLN A 137 -8.80 -13.73 7.50
C GLN A 137 -8.39 -14.31 6.10
N ILE A 138 -9.08 -15.36 5.66
CA ILE A 138 -8.84 -15.94 4.36
C ILE A 138 -9.08 -14.87 3.25
N CYS A 139 -8.13 -14.76 2.30
CA CYS A 139 -8.27 -13.87 1.16
C CYS A 139 -9.68 -14.03 0.57
N TRP A 140 -10.27 -12.91 0.14
CA TRP A 140 -11.58 -12.88 -0.49
C TRP A 140 -11.71 -13.96 -1.58
N TYR A 141 -10.73 -14.08 -2.47
CA TYR A 141 -10.92 -15.01 -3.62
C TYR A 141 -10.84 -16.47 -3.18
N GLN A 142 -10.32 -16.73 -1.98
CA GLN A 142 -10.30 -18.10 -1.46
C GLN A 142 -11.58 -18.46 -0.73
N LYS A 143 -12.49 -17.52 -0.49
CA LYS A 143 -13.77 -17.90 0.10
C LYS A 143 -14.55 -18.78 -0.82
N PRO A 144 -15.05 -19.93 -0.30
CA PRO A 144 -15.92 -20.74 -1.15
C PRO A 144 -17.01 -19.83 -1.76
N GLY A 145 -17.34 -20.01 -3.02
CA GLY A 145 -18.37 -19.21 -3.68
C GLY A 145 -17.88 -17.89 -4.29
N VAL A 146 -16.60 -17.51 -4.04
CA VAL A 146 -16.10 -16.26 -4.60
C VAL A 146 -15.18 -16.58 -5.79
N GLY A 147 -14.02 -17.15 -5.51
CA GLY A 147 -13.09 -17.55 -6.56
C GLY A 147 -12.75 -16.35 -7.48
N LEU A 148 -12.77 -16.54 -8.78
CA LEU A 148 -12.26 -15.52 -9.71
C LEU A 148 -13.28 -14.46 -10.00
N ASP A 149 -14.48 -14.63 -9.50
CA ASP A 149 -15.41 -13.48 -9.41
C ASP A 149 -14.79 -12.27 -8.63
N ALA A 150 -13.90 -12.54 -7.69
CA ALA A 150 -13.16 -11.48 -6.97
C ALA A 150 -12.51 -10.47 -7.94
N ILE A 151 -12.25 -10.90 -9.18
CA ILE A 151 -11.67 -9.94 -10.18
C ILE A 151 -12.65 -8.80 -10.40
N ASN A 152 -13.94 -9.12 -10.61
CA ASN A 152 -14.96 -8.06 -10.79
C ASN A 152 -15.11 -7.27 -9.47
N ASP A 153 -15.17 -8.00 -8.34
CA ASP A 153 -15.24 -7.35 -7.02
C ASP A 153 -14.16 -6.33 -6.85
N ALA A 154 -12.94 -6.71 -7.19
CA ALA A 154 -11.88 -5.74 -7.01
C ALA A 154 -12.13 -4.44 -7.82
N ASN A 155 -12.46 -4.59 -9.12
CA ASN A 155 -12.69 -3.41 -9.98
C ASN A 155 -13.81 -2.57 -9.52
N LEU A 156 -14.85 -3.18 -8.91
CA LEU A 156 -15.93 -2.38 -8.38
C LEU A 156 -15.39 -1.42 -7.30
N LEU A 157 -14.48 -1.94 -6.50
CA LEU A 157 -13.92 -1.14 -5.42
C LEU A 157 -13.20 0.03 -6.03
N GLU A 158 -12.54 -0.21 -7.15
CA GLU A 158 -11.87 0.89 -7.85
C GLU A 158 -12.91 1.91 -8.34
N ALA A 159 -14.06 1.43 -8.86
CA ALA A 159 -15.07 2.34 -9.42
C ALA A 159 -15.65 3.25 -8.31
N CYS A 160 -15.73 2.68 -7.09
CA CYS A 160 -16.27 3.40 -5.95
C CYS A 160 -15.46 4.65 -5.62
N ILE A 161 -14.16 4.61 -5.79
CA ILE A 161 -13.39 5.80 -5.58
C ILE A 161 -13.98 7.00 -6.38
N TYR A 162 -14.22 6.81 -7.68
CA TYR A 162 -14.60 7.93 -8.56
C TYR A 162 -16.08 8.32 -8.28
N ARG A 163 -16.82 7.38 -7.77
CA ARG A 163 -18.23 7.72 -7.42
C ARG A 163 -18.16 8.66 -6.23
N LEU A 164 -17.34 8.33 -5.24
CA LEU A 164 -17.23 9.18 -4.05
C LEU A 164 -16.63 10.53 -4.37
N LEU A 165 -15.62 10.57 -5.24
CA LEU A 165 -15.07 11.87 -5.61
C LEU A 165 -16.15 12.73 -6.29
N LYS A 166 -16.91 12.19 -7.22
CA LYS A 166 -18.00 12.93 -7.82
C LYS A 166 -19.00 13.44 -6.75
N LEU A 167 -19.38 12.55 -5.82
CA LEU A 167 -20.53 12.83 -4.96
C LEU A 167 -20.13 13.90 -3.95
N TYR A 168 -18.85 13.99 -3.58
CA TYR A 168 -18.45 14.84 -2.50
C TYR A 168 -17.59 16.01 -2.94
N CYS A 169 -16.86 15.91 -4.05
CA CYS A 169 -15.86 16.93 -4.41
C CYS A 169 -16.08 17.56 -5.78
N ARG A 170 -17.18 17.21 -6.42
CA ARG A 170 -17.38 17.66 -7.77
C ARG A 170 -17.36 19.20 -7.92
N GLU A 171 -17.82 19.92 -6.90
CA GLU A 171 -17.86 21.36 -7.01
C GLU A 171 -16.57 22.04 -6.61
N GLN A 172 -15.57 21.28 -6.20
CA GLN A 172 -14.37 21.88 -5.58
C GLN A 172 -13.32 22.23 -6.62
N PRO A 173 -12.53 23.29 -6.39
CA PRO A 173 -11.49 23.62 -7.41
C PRO A 173 -10.47 22.53 -7.66
N TYR A 174 -10.32 21.58 -6.74
CA TYR A 174 -9.30 20.55 -6.84
C TYR A 174 -9.84 19.21 -7.36
N TYR A 175 -11.10 19.16 -7.75
CA TYR A 175 -11.71 17.95 -8.27
C TYR A 175 -10.97 17.22 -9.41
N LEU A 176 -10.72 17.91 -10.52
CA LEU A 176 -9.92 17.36 -11.62
C LEU A 176 -8.54 16.89 -11.13
N ASN A 177 -7.95 17.71 -10.25
CA ASN A 177 -6.61 17.39 -9.72
C ASN A 177 -6.61 16.04 -8.97
N LEU A 178 -7.67 15.78 -8.20
CA LEU A 178 -7.75 14.57 -7.44
C LEU A 178 -8.00 13.40 -8.42
N ILE A 179 -8.90 13.60 -9.38
CA ILE A 179 -9.18 12.55 -10.37
C ILE A 179 -7.89 12.14 -11.13
N GLU A 180 -7.17 13.10 -11.71
CA GLU A 180 -5.94 12.77 -12.40
C GLU A 180 -4.93 12.17 -11.47
N LEU A 181 -4.94 12.58 -10.18
CA LEU A 181 -3.94 12.03 -9.22
C LEU A 181 -4.26 10.53 -8.90
N PHE A 182 -5.52 10.18 -8.60
CA PHE A 182 -5.88 8.80 -8.41
C PHE A 182 -5.60 7.94 -9.71
N LEU A 183 -5.91 8.48 -10.90
CA LEU A 183 -5.77 7.73 -12.13
C LEU A 183 -4.27 7.56 -12.39
N GLN A 184 -3.51 8.62 -12.21
CA GLN A 184 -2.07 8.46 -12.47
C GLN A 184 -1.40 7.49 -11.48
N SER A 185 -1.79 7.55 -10.23
CA SER A 185 -1.24 6.68 -9.19
C SER A 185 -1.55 5.20 -9.51
N SER A 186 -2.75 4.92 -10.00
CA SER A 186 -3.10 3.55 -10.38
C SER A 186 -2.25 3.09 -11.51
N TYR A 187 -2.12 3.91 -12.54
CA TYR A 187 -1.30 3.53 -13.68
C TYR A 187 0.11 3.21 -13.18
N GLN A 188 0.69 4.13 -12.39
CA GLN A 188 2.11 3.91 -11.94
C GLN A 188 2.20 2.60 -11.11
N THR A 189 1.16 2.33 -10.33
CA THR A 189 1.22 1.17 -9.45
C THR A 189 1.12 -0.12 -10.29
N GLU A 190 0.32 -0.10 -11.33
CA GLU A 190 0.16 -1.25 -12.24
C GLU A 190 1.43 -1.47 -13.07
N ILE A 191 2.09 -0.41 -13.41
CA ILE A 191 3.37 -0.54 -14.10
C ILE A 191 4.35 -1.24 -13.17
N GLY A 192 4.30 -0.90 -11.87
CA GLY A 192 5.18 -1.51 -10.94
C GLY A 192 4.80 -2.96 -10.74
N GLN A 193 3.51 -3.24 -10.61
CA GLN A 193 3.06 -4.61 -10.48
C GLN A 193 3.49 -5.45 -11.73
N THR A 194 3.53 -4.79 -12.89
CA THR A 194 3.93 -5.48 -14.10
C THR A 194 5.44 -5.82 -13.94
N LEU A 195 6.23 -4.90 -13.42
CA LEU A 195 7.70 -5.24 -13.25
C LEU A 195 7.90 -6.34 -12.17
N ASP A 196 7.05 -6.30 -11.15
CA ASP A 196 7.06 -7.32 -10.08
C ASP A 196 6.81 -8.73 -10.74
N LEU A 197 5.81 -8.83 -11.59
N LEU A 197 5.79 -8.84 -11.59
CA LEU A 197 5.39 -10.14 -12.13
CA LEU A 197 5.38 -10.13 -12.18
C LEU A 197 6.34 -10.63 -13.21
C LEU A 197 6.42 -10.63 -13.16
N LEU A 198 6.91 -9.72 -13.99
CA LEU A 198 7.91 -10.04 -15.04
C LEU A 198 9.20 -10.57 -14.47
N THR A 199 9.58 -10.05 -13.29
CA THR A 199 10.87 -10.39 -12.68
C THR A 199 10.68 -11.68 -11.90
N ALA A 200 9.43 -12.12 -11.71
CA ALA A 200 9.19 -13.31 -10.90
C ALA A 200 8.46 -14.41 -11.70
N PRO A 201 9.05 -14.87 -12.79
CA PRO A 201 8.28 -15.96 -13.49
C PRO A 201 8.12 -17.28 -12.68
N GLN A 202 6.92 -17.83 -12.65
CA GLN A 202 6.72 -19.16 -12.10
C GLN A 202 7.49 -20.21 -12.98
N GLY A 203 7.94 -21.28 -12.38
CA GLY A 203 8.64 -22.31 -13.14
C GLY A 203 10.06 -21.98 -13.65
N ASN A 204 10.52 -20.72 -13.55
CA ASN A 204 11.86 -20.33 -14.06
C ASN A 204 12.74 -19.73 -12.95
N VAL A 205 14.00 -20.14 -12.90
CA VAL A 205 15.02 -19.37 -12.20
C VAL A 205 15.08 -17.91 -12.69
N ASP A 206 15.24 -16.94 -11.81
CA ASP A 206 15.47 -15.58 -12.34
C ASP A 206 16.52 -14.84 -11.49
N LEU A 207 17.55 -15.57 -11.05
CA LEU A 207 18.46 -15.03 -10.03
C LEU A 207 19.19 -13.84 -10.57
N VAL A 208 19.55 -13.91 -11.84
CA VAL A 208 20.34 -12.87 -12.52
C VAL A 208 19.58 -11.53 -12.49
N ARG A 209 18.26 -11.56 -12.43
CA ARG A 209 17.47 -10.33 -12.45
C ARG A 209 17.28 -9.72 -11.06
N PHE A 210 17.70 -10.45 -10.02
CA PHE A 210 17.42 -9.89 -8.69
C PHE A 210 18.50 -8.87 -8.23
N THR A 211 18.53 -7.70 -8.87
CA THR A 211 19.52 -6.67 -8.57
C THR A 211 18.95 -5.56 -7.69
N GLU A 212 19.84 -4.88 -7.01
CA GLU A 212 19.51 -3.69 -6.23
C GLU A 212 18.74 -2.64 -7.06
N LYS A 213 19.32 -2.34 -8.23
CA LYS A 213 18.76 -1.44 -9.23
C LYS A 213 17.30 -1.84 -9.56
N ARG A 214 17.09 -3.12 -9.89
CA ARG A 214 15.75 -3.57 -10.36
C ARG A 214 14.80 -3.45 -9.19
N TYR A 215 15.22 -3.97 -8.03
CA TYR A 215 14.48 -3.88 -6.81
C TYR A 215 13.97 -2.46 -6.62
N LYS A 216 14.88 -1.48 -6.68
CA LYS A 216 14.46 -0.06 -6.44
C LYS A 216 13.37 0.44 -7.40
N SER A 217 13.51 0.08 -8.66
CA SER A 217 12.56 0.42 -9.74
C SER A 217 11.20 -0.24 -9.43
N ILE A 218 11.21 -1.52 -9.03
CA ILE A 218 9.91 -2.22 -8.75
C ILE A 218 9.14 -1.52 -7.65
N VAL A 219 9.83 -1.24 -6.53
CA VAL A 219 9.11 -0.78 -5.34
C VAL A 219 8.74 0.71 -5.48
N LYS A 220 9.57 1.46 -6.23
CA LYS A 220 9.21 2.82 -6.52
C LYS A 220 7.81 2.85 -7.18
N TYR A 221 7.57 2.01 -8.19
CA TYR A 221 6.34 2.10 -8.93
C TYR A 221 5.18 1.37 -8.26
N LYS A 222 5.45 0.16 -7.76
CA LYS A 222 4.34 -0.68 -7.25
C LYS A 222 3.87 -0.21 -5.88
N THR A 223 4.77 0.45 -5.08
CA THR A 223 4.38 0.80 -3.71
C THR A 223 4.42 2.30 -3.39
N ALA A 224 5.53 2.94 -3.75
CA ALA A 224 5.87 4.24 -3.22
C ALA A 224 4.89 5.33 -3.70
N PHE A 225 4.48 5.29 -4.98
CA PHE A 225 3.62 6.33 -5.49
C PHE A 225 2.23 6.31 -4.77
N TYR A 226 1.56 5.18 -4.73
CA TYR A 226 0.18 5.15 -4.17
C TYR A 226 0.11 5.10 -2.64
N SER A 227 1.12 4.55 -2.02
CA SER A 227 1.07 4.36 -0.58
C SER A 227 1.63 5.56 0.19
N PHE A 228 2.59 6.32 -0.41
CA PHE A 228 3.19 7.53 0.22
C PHE A 228 2.85 8.85 -0.45
N TYR A 229 3.14 9.01 -1.76
CA TYR A 229 2.88 10.24 -2.46
C TYR A 229 1.37 10.55 -2.51
N LEU A 230 0.59 9.58 -2.93
CA LEU A 230 -0.82 9.82 -3.18
C LEU A 230 -1.52 10.41 -1.97
N PRO A 231 -1.38 9.81 -0.79
CA PRO A 231 -2.23 10.49 0.21
C PRO A 231 -1.81 11.91 0.62
N ILE A 232 -0.50 12.17 0.69
CA ILE A 232 -0.06 13.48 1.08
C ILE A 232 -0.43 14.41 -0.07
N ALA A 233 -0.20 14.00 -1.32
CA ALA A 233 -0.52 14.89 -2.46
C ALA A 233 -2.01 15.21 -2.51
N ALA A 234 -2.87 14.23 -2.19
CA ALA A 234 -4.32 14.51 -2.15
C ALA A 234 -4.62 15.61 -1.15
N ALA A 235 -4.14 15.47 0.07
CA ALA A 235 -4.33 16.49 1.07
C ALA A 235 -3.74 17.85 0.65
N MET A 236 -2.58 17.85 -0.03
CA MET A 236 -2.05 19.09 -0.54
C MET A 236 -3.05 19.75 -1.50
N TYR A 237 -3.52 19.03 -2.50
CA TYR A 237 -4.44 19.60 -3.49
C TYR A 237 -5.68 20.09 -2.81
N MET A 238 -6.14 19.37 -1.80
CA MET A 238 -7.35 19.80 -1.10
C MET A 238 -7.04 21.08 -0.29
N ALA A 239 -5.77 21.32 0.06
CA ALA A 239 -5.48 22.54 0.85
C ALA A 239 -5.13 23.68 -0.12
N GLY A 240 -5.35 23.47 -1.42
CA GLY A 240 -4.99 24.44 -2.47
C GLY A 240 -3.51 24.48 -2.72
N ILE A 241 -2.77 23.45 -2.28
CA ILE A 241 -1.32 23.46 -2.54
C ILE A 241 -1.08 22.70 -3.82
N ASP A 242 -1.05 23.39 -4.94
CA ASP A 242 -1.02 22.65 -6.19
C ASP A 242 0.26 22.88 -6.98
N GLY A 243 1.26 23.58 -6.44
CA GLY A 243 2.43 23.94 -7.29
C GLY A 243 3.31 22.72 -7.59
N GLU A 244 3.90 22.69 -8.78
CA GLU A 244 4.73 21.56 -9.17
C GLU A 244 5.95 21.38 -8.29
N LYS A 245 6.58 22.49 -7.93
CA LYS A 245 7.80 22.45 -7.10
C LYS A 245 7.45 21.84 -5.73
N GLU A 246 6.35 22.28 -5.14
CA GLU A 246 5.88 21.78 -3.83
C GLU A 246 5.64 20.26 -3.95
N HIS A 247 4.94 19.85 -5.03
CA HIS A 247 4.68 18.41 -5.23
C HIS A 247 5.93 17.66 -5.50
N ALA A 248 6.84 18.20 -6.26
CA ALA A 248 8.10 17.47 -6.47
C ALA A 248 8.89 17.34 -5.15
N ASN A 249 8.89 18.38 -4.31
CA ASN A 249 9.59 18.24 -3.01
C ASN A 249 9.04 17.18 -2.09
N ALA A 250 7.71 17.16 -1.94
CA ALA A 250 7.06 16.16 -1.15
C ALA A 250 7.37 14.75 -1.68
N LYS A 251 7.27 14.61 -3.00
CA LYS A 251 7.64 13.34 -3.68
C LYS A 251 9.08 12.84 -3.34
N LYS A 252 10.05 13.75 -3.29
CA LYS A 252 11.42 13.28 -2.95
C LYS A 252 11.42 12.55 -1.60
N ILE A 253 10.74 13.12 -0.60
CA ILE A 253 10.67 12.45 0.71
C ILE A 253 9.89 11.14 0.61
N LEU A 254 8.72 11.22 -0.02
CA LEU A 254 7.70 10.22 0.08
C LEU A 254 8.05 8.97 -0.74
N LEU A 255 8.73 9.14 -1.87
CA LEU A 255 9.17 7.95 -2.65
C LEU A 255 10.22 7.16 -1.86
N GLU A 256 11.14 7.88 -1.22
CA GLU A 256 12.09 7.21 -0.33
C GLU A 256 11.40 6.55 0.82
N MET A 257 10.46 7.22 1.48
CA MET A 257 9.67 6.54 2.52
CA MET A 257 9.67 6.54 2.52
C MET A 257 8.99 5.26 2.00
N GLY A 258 8.45 5.32 0.78
CA GLY A 258 7.78 4.16 0.19
C GLY A 258 8.76 2.99 -0.10
N GLU A 259 9.95 3.30 -0.61
CA GLU A 259 10.92 2.22 -0.84
C GLU A 259 11.22 1.51 0.51
N PHE A 260 11.53 2.30 1.54
CA PHE A 260 11.78 1.78 2.85
C PHE A 260 10.60 0.91 3.31
N PHE A 261 9.37 1.38 3.09
CA PHE A 261 8.18 0.69 3.60
C PHE A 261 8.06 -0.70 2.93
N GLN A 262 8.47 -0.80 1.68
CA GLN A 262 8.29 -2.06 0.93
C GLN A 262 9.35 -3.05 1.40
N ILE A 263 10.54 -2.54 1.75
CA ILE A 263 11.62 -3.36 2.28
C ILE A 263 11.17 -3.99 3.60
N GLN A 264 10.53 -3.21 4.44
CA GLN A 264 9.88 -3.78 5.65
C GLN A 264 8.79 -4.83 5.34
N ASP A 265 7.97 -4.58 4.32
CA ASP A 265 6.98 -5.57 3.88
C ASP A 265 7.63 -6.88 3.43
N ASP A 266 8.74 -6.77 2.72
CA ASP A 266 9.49 -7.98 2.29
C ASP A 266 10.05 -8.71 3.50
N TYR A 267 10.58 -7.94 4.43
CA TYR A 267 11.12 -8.56 5.63
C TYR A 267 10.01 -9.28 6.35
N LEU A 268 8.85 -8.64 6.46
CA LEU A 268 7.72 -9.25 7.21
C LEU A 268 7.09 -10.49 6.52
N ASP A 269 7.19 -10.56 5.18
CA ASP A 269 6.60 -11.67 4.45
C ASP A 269 7.16 -12.97 5.06
N LEU A 270 8.46 -13.00 5.33
CA LEU A 270 9.11 -14.19 5.88
C LEU A 270 9.34 -14.21 7.41
N PHE A 271 9.77 -13.09 7.98
CA PHE A 271 10.09 -13.04 9.38
C PHE A 271 9.02 -12.46 10.27
N GLY A 272 7.84 -12.14 9.76
CA GLY A 272 6.84 -11.62 10.68
C GLY A 272 6.02 -12.72 11.30
N ASP A 273 5.38 -12.44 12.42
CA ASP A 273 4.36 -13.36 13.00
C ASP A 273 3.00 -13.16 12.30
N PRO A 274 2.45 -14.23 11.65
CA PRO A 274 1.26 -14.01 10.82
C PRO A 274 -0.02 -13.83 11.60
N SER A 275 -0.03 -14.14 12.89
CA SER A 275 -1.16 -13.67 13.67
C SER A 275 -1.02 -12.18 14.02
N VAL A 276 0.13 -11.59 13.75
CA VAL A 276 0.30 -10.13 13.91
C VAL A 276 0.12 -9.39 12.53
N THR A 277 0.91 -9.77 11.55
CA THR A 277 0.81 -9.26 10.19
C THR A 277 -0.56 -9.58 9.52
N GLY A 278 -1.31 -10.57 10.01
CA GLY A 278 -2.60 -10.92 9.38
C GLY A 278 -2.46 -11.67 8.02
N LYS A 279 -1.22 -11.93 7.55
CA LYS A 279 -1.03 -12.60 6.24
C LYS A 279 0.12 -13.59 6.23
N ILE A 280 -0.06 -14.71 5.51
CA ILE A 280 1.05 -15.69 5.26
C ILE A 280 1.91 -15.29 4.07
N GLY A 281 3.21 -15.46 4.19
CA GLY A 281 4.12 -15.00 3.16
C GLY A 281 4.20 -15.93 1.97
N THR A 282 4.54 -15.42 0.78
CA THR A 282 4.65 -16.24 -0.42
C THR A 282 5.81 -15.79 -1.26
N ASP A 283 6.65 -14.87 -0.79
CA ASP A 283 7.63 -14.32 -1.78
C ASP A 283 8.58 -15.38 -2.35
N ILE A 284 9.03 -16.30 -1.49
CA ILE A 284 10.05 -17.30 -1.87
C ILE A 284 9.40 -18.29 -2.78
N GLN A 285 8.22 -18.82 -2.38
CA GLN A 285 7.44 -19.69 -3.32
C GLN A 285 7.14 -18.98 -4.66
N ASP A 286 6.85 -17.68 -4.62
CA ASP A 286 6.39 -16.94 -5.86
C ASP A 286 7.58 -16.42 -6.66
N ASN A 287 8.81 -16.78 -6.27
CA ASN A 287 9.97 -16.41 -7.07
C ASN A 287 10.17 -14.86 -7.11
N LYS A 288 9.84 -14.14 -6.01
CA LYS A 288 9.74 -12.70 -6.08
C LYS A 288 11.08 -12.07 -5.87
N CYS A 289 11.32 -10.97 -6.58
CA CYS A 289 12.46 -10.04 -6.34
C CYS A 289 12.25 -9.20 -5.03
N SER A 290 12.38 -9.91 -3.91
CA SER A 290 12.23 -9.41 -2.57
C SER A 290 13.56 -8.75 -2.16
N TRP A 291 13.45 -7.83 -1.20
CA TRP A 291 14.70 -7.21 -0.71
C TRP A 291 15.63 -8.27 -0.14
N LEU A 292 15.02 -9.25 0.56
CA LEU A 292 15.74 -10.39 1.21
C LEU A 292 16.55 -11.21 0.22
N VAL A 293 15.97 -11.50 -0.96
CA VAL A 293 16.71 -12.32 -1.94
C VAL A 293 17.86 -11.50 -2.54
N VAL A 294 17.66 -10.19 -2.71
CA VAL A 294 18.66 -9.32 -3.32
C VAL A 294 19.85 -9.24 -2.37
N GLN A 295 19.53 -9.11 -1.09
CA GLN A 295 20.60 -9.03 -0.08
C GLN A 295 21.33 -10.36 -0.06
N CYS A 296 20.56 -11.44 0.04
CA CYS A 296 21.09 -12.80 0.08
C CYS A 296 22.15 -13.02 -1.00
N LEU A 297 21.82 -12.46 -2.18
CA LEU A 297 22.59 -12.66 -3.38
C LEU A 297 23.89 -11.88 -3.28
N GLN A 298 23.80 -10.70 -2.68
CA GLN A 298 24.99 -9.81 -2.59
C GLN A 298 26.04 -10.43 -1.68
N ARG A 299 25.57 -11.27 -0.78
CA ARG A 299 26.44 -11.88 0.21
C ARG A 299 26.69 -13.37 0.06
N ALA A 300 26.01 -14.09 -0.85
CA ALA A 300 26.15 -15.54 -0.94
C ALA A 300 27.55 -15.95 -1.46
N THR A 301 28.13 -17.00 -0.90
CA THR A 301 29.26 -17.66 -1.58
C THR A 301 28.72 -18.43 -2.78
N PRO A 302 29.62 -18.91 -3.70
CA PRO A 302 29.16 -19.77 -4.79
C PRO A 302 28.23 -20.93 -4.34
N GLU A 303 28.56 -21.59 -3.24
CA GLU A 303 27.81 -22.79 -2.80
C GLU A 303 26.42 -22.42 -2.27
N GLN A 304 26.38 -21.31 -1.54
CA GLN A 304 25.10 -20.77 -1.10
C GLN A 304 24.27 -20.27 -2.29
N TYR A 305 24.93 -19.68 -3.29
CA TYR A 305 24.25 -19.25 -4.50
C TYR A 305 23.50 -20.47 -5.12
N GLN A 306 24.16 -21.62 -5.09
CA GLN A 306 23.61 -22.86 -5.57
C GLN A 306 22.39 -23.32 -4.77
N ILE A 307 22.50 -23.19 -3.46
CA ILE A 307 21.40 -23.51 -2.59
C ILE A 307 20.17 -22.67 -2.95
N LEU A 308 20.42 -21.39 -3.19
CA LEU A 308 19.38 -20.47 -3.56
C LEU A 308 18.78 -20.85 -4.93
N LYS A 309 19.67 -21.03 -5.91
CA LYS A 309 19.26 -21.46 -7.26
C LYS A 309 18.34 -22.71 -7.24
N GLU A 310 18.76 -23.76 -6.52
CA GLU A 310 18.00 -25.00 -6.47
C GLU A 310 16.74 -24.94 -5.63
N ASN A 311 16.62 -23.94 -4.75
CA ASN A 311 15.50 -23.92 -3.85
C ASN A 311 14.48 -22.79 -3.96
N TYR A 312 14.84 -21.68 -4.63
CA TYR A 312 14.04 -20.48 -4.64
C TYR A 312 12.88 -20.60 -5.66
N GLY A 313 11.76 -19.89 -5.45
CA GLY A 313 10.66 -19.86 -6.44
C GLY A 313 9.90 -21.16 -6.67
N GLN A 314 9.97 -22.07 -5.69
CA GLN A 314 9.20 -23.31 -5.80
C GLN A 314 8.26 -23.52 -4.62
N LYS A 315 7.11 -24.10 -4.92
CA LYS A 315 6.15 -24.44 -3.90
C LYS A 315 6.55 -25.49 -2.82
N GLU A 316 7.68 -26.19 -2.92
CA GLU A 316 7.98 -27.26 -1.93
C GLU A 316 8.30 -26.65 -0.56
N ALA A 317 7.52 -27.01 0.47
CA ALA A 317 7.72 -26.54 1.85
C ALA A 317 9.20 -26.72 2.24
N GLU A 318 9.80 -27.85 1.85
CA GLU A 318 11.17 -28.17 2.25
C GLU A 318 12.14 -27.22 1.57
N LYS A 319 11.78 -26.75 0.39
CA LYS A 319 12.66 -25.86 -0.37
C LYS A 319 12.54 -24.42 0.13
N VAL A 320 11.32 -24.00 0.50
CA VAL A 320 11.15 -22.70 1.15
C VAL A 320 11.96 -22.63 2.49
N ALA A 321 11.89 -23.72 3.29
CA ALA A 321 12.61 -23.82 4.59
C ALA A 321 14.13 -23.74 4.38
N ARG A 322 14.63 -24.46 3.38
CA ARG A 322 16.01 -24.31 2.96
C ARG A 322 16.40 -22.85 2.70
N VAL A 323 15.56 -22.10 2.00
CA VAL A 323 15.91 -20.69 1.72
C VAL A 323 15.95 -19.79 3.00
N LYS A 324 14.85 -19.83 3.77
CA LYS A 324 14.82 -19.25 5.09
C LYS A 324 16.10 -19.58 5.92
N ALA A 325 16.41 -20.88 6.13
CA ALA A 325 17.64 -21.24 6.86
C ALA A 325 18.86 -20.51 6.26
N LEU A 326 18.90 -20.39 4.94
CA LEU A 326 20.02 -19.68 4.30
C LEU A 326 20.10 -18.17 4.68
N TYR A 327 18.93 -17.52 4.68
CA TYR A 327 18.78 -16.10 5.07
C TYR A 327 19.29 -15.89 6.52
N GLU A 328 18.80 -16.73 7.45
CA GLU A 328 19.18 -16.70 8.85
C GLU A 328 20.63 -17.02 9.03
N GLU A 329 21.16 -17.93 8.20
CA GLU A 329 22.59 -18.23 8.21
C GLU A 329 23.35 -16.97 7.85
N LEU A 330 22.86 -16.22 6.86
CA LEU A 330 23.51 -14.99 6.45
C LEU A 330 23.20 -13.75 7.34
N ASP A 331 22.63 -13.94 8.54
CA ASP A 331 22.28 -12.80 9.45
C ASP A 331 21.38 -11.72 8.77
N LEU A 332 20.52 -12.15 7.86
CA LEU A 332 19.74 -11.19 7.12
C LEU A 332 18.83 -10.33 8.02
N PRO A 333 18.26 -10.90 9.13
CA PRO A 333 17.45 -10.09 10.06
C PRO A 333 18.27 -8.92 10.65
N ALA A 334 19.53 -9.18 11.03
CA ALA A 334 20.45 -8.13 11.50
C ALA A 334 20.81 -7.14 10.39
N VAL A 335 21.04 -7.59 9.17
CA VAL A 335 21.24 -6.69 8.04
C VAL A 335 19.98 -5.78 7.77
N PHE A 336 18.78 -6.36 7.86
CA PHE A 336 17.55 -5.57 7.77
C PHE A 336 17.49 -4.48 8.87
N LEU A 337 17.83 -4.81 10.12
CA LEU A 337 17.80 -3.82 11.21
C LEU A 337 18.79 -2.66 11.00
N GLN A 338 20.00 -2.96 10.51
CA GLN A 338 20.95 -1.90 10.11
C GLN A 338 20.38 -1.03 8.96
N TYR A 339 19.85 -1.65 7.90
CA TYR A 339 19.36 -0.87 6.75
C TYR A 339 18.27 0.03 7.26
N GLU A 340 17.38 -0.47 8.12
CA GLU A 340 16.23 0.29 8.58
C GLU A 340 16.65 1.60 9.32
N GLU A 341 17.70 1.49 10.13
CA GLU A 341 18.22 2.62 10.85
C GLU A 341 18.86 3.62 9.88
N ASP A 342 19.82 3.16 9.06
CA ASP A 342 20.45 4.05 8.08
C ASP A 342 19.42 4.75 7.18
N SER A 343 18.44 3.97 6.71
CA SER A 343 17.41 4.53 5.88
C SER A 343 16.50 5.58 6.56
N TYR A 344 15.97 5.28 7.75
CA TYR A 344 15.23 6.26 8.55
C TYR A 344 16.03 7.54 8.73
N SER A 345 17.31 7.43 9.06
CA SER A 345 18.15 8.61 9.20
C SER A 345 18.16 9.42 7.92
N HIS A 346 18.34 8.72 6.79
CA HIS A 346 18.32 9.37 5.47
C HIS A 346 16.96 10.01 5.16
N ILE A 347 15.89 9.30 5.40
CA ILE A 347 14.58 9.92 5.26
C ILE A 347 14.43 11.20 6.17
N MET A 348 15.03 11.19 7.35
CA MET A 348 14.89 12.34 8.22
C MET A 348 15.69 13.50 7.64
N ALA A 349 16.85 13.21 7.04
CA ALA A 349 17.67 14.24 6.35
C ALA A 349 16.85 14.86 5.21
N LEU A 350 16.21 14.01 4.39
CA LEU A 350 15.34 14.46 3.32
C LEU A 350 14.21 15.35 3.82
N ILE A 351 13.65 15.00 4.98
CA ILE A 351 12.61 15.84 5.61
C ILE A 351 13.19 17.23 5.91
N GLU A 352 14.38 17.27 6.52
CA GLU A 352 15.10 18.54 6.85
C GLU A 352 15.32 19.31 5.55
N GLN A 353 15.62 18.63 4.45
CA GLN A 353 15.83 19.32 3.17
C GLN A 353 14.60 19.83 2.44
N TYR A 354 13.55 19.03 2.40
CA TYR A 354 12.46 19.27 1.46
C TYR A 354 11.11 19.56 2.06
N ALA A 355 10.99 19.57 3.40
CA ALA A 355 9.61 19.69 3.96
C ALA A 355 9.06 21.09 3.71
N ALA A 356 9.90 22.13 3.92
CA ALA A 356 9.51 23.52 3.69
C ALA A 356 8.86 23.77 2.33
N PRO A 357 7.77 24.52 2.31
CA PRO A 357 7.15 25.23 3.44
C PRO A 357 6.14 24.41 4.25
N LEU A 358 5.98 23.11 3.94
CA LEU A 358 5.00 22.30 4.65
C LEU A 358 5.49 21.97 6.07
N PRO A 359 4.56 21.78 6.98
CA PRO A 359 5.10 21.47 8.32
C PRO A 359 5.86 20.11 8.38
N PRO A 360 7.07 20.10 8.97
CA PRO A 360 7.69 18.75 9.02
C PRO A 360 6.85 17.63 9.67
N ALA A 361 5.91 17.99 10.57
CA ALA A 361 5.03 17.02 11.25
C ALA A 361 4.25 16.16 10.29
N VAL A 362 3.84 16.74 9.15
CA VAL A 362 3.14 16.02 8.10
C VAL A 362 3.91 14.74 7.68
N PHE A 363 5.21 14.89 7.47
CA PHE A 363 6.08 13.78 7.09
C PHE A 363 6.52 12.94 8.28
N LEU A 364 6.85 13.55 9.41
CA LEU A 364 7.30 12.80 10.57
C LEU A 364 6.21 11.91 11.16
N GLY A 365 4.97 12.36 11.13
CA GLY A 365 3.83 11.62 11.74
C GLY A 365 3.81 10.29 10.94
N LEU A 366 3.87 10.37 9.63
CA LEU A 366 3.92 9.14 8.78
C LEU A 366 5.20 8.26 9.02
N ALA A 367 6.38 8.86 9.10
CA ALA A 367 7.61 8.10 9.39
C ALA A 367 7.52 7.35 10.71
N ARG A 368 6.98 8.00 11.75
CA ARG A 368 6.97 7.38 13.01
C ARG A 368 5.89 6.30 13.04
N LYS A 369 4.81 6.46 12.27
CA LYS A 369 3.82 5.40 12.14
C LYS A 369 4.42 4.12 11.52
N ILE A 370 5.45 4.24 10.67
CA ILE A 370 5.98 3.03 9.99
C ILE A 370 7.38 2.59 10.45
N TYR A 371 8.18 3.48 11.03
CA TYR A 371 9.50 3.10 11.57
C TYR A 371 9.34 2.00 12.61
N LYS A 372 10.13 0.94 12.46
CA LYS A 372 10.09 -0.23 13.36
C LYS A 372 8.75 -0.97 13.47
N ARG A 373 7.78 -0.71 12.58
CA ARG A 373 6.52 -1.49 12.56
C ARG A 373 6.70 -3.05 12.48
N ARG A 374 5.77 -3.80 13.07
CA ARG A 374 5.80 -5.23 13.06
C ARG A 374 4.64 -5.85 12.25
N LYS A 375 3.78 -4.98 11.73
CA LYS A 375 2.62 -5.38 10.94
C LYS A 375 2.40 -4.28 9.92
#